data_6UDY
#
_entry.id   6UDY
#
_cell.length_a   43.271
_cell.length_b   84.954
_cell.length_c   90.328
_cell.angle_alpha   90.000
_cell.angle_beta   90.000
_cell.angle_gamma   90.000
#
_symmetry.space_group_name_H-M   'P 21 21 21'
#
loop_
_entity.id
_entity.type
_entity.pdbx_description
1 polymer 'Induced myeloid leukemia cell differentiation protein Mcl-1'
2 non-polymer "(3S)-6'-chloro-5-(cyclobutylmethyl)-3',4,4',5-tetrahydro-2H,2'H-spiro[1,5-benzoxazepine-3,1'-naphthalene]-7-carboxylic acid"
3 water water
#
_entity_poly.entity_id   1
_entity_poly.type   'polypeptide(L)'
_entity_poly.pdbx_seq_one_letter_code
;EDELYRQSLEIISRYLREQATGAKDTKPMGRSGATSRKALETLRRVGDGVQRNHETAFQGMLRKLDIKNEDDVKSLSRVM
IHVFSDGVTNWGRIVTLISFGAFVAKHLKTINQESCIEPLAESITDVLVRTKRDWLVKQRGWDGFVEFFHVEDLEGG
;
_entity_poly.pdbx_strand_id   A,B
#
loop_
_chem_comp.id
_chem_comp.type
_chem_comp.name
_chem_comp.formula
Q54 non-polymer '(3S)-6'-chloro-5-(cyclobutylmethyl)-3',4,4',5-tetrahydro-2H,2'H-spiro[1,5-benzoxazepine-3,1'-naphthalene]-7-carboxylic acid' 'C24 H26 Cl N O3'
#
# COMPACT_ATOMS: atom_id res chain seq x y z
N GLU A 1 -28.93 2.96 18.04
CA GLU A 1 -28.70 2.86 16.57
C GLU A 1 -27.35 2.19 16.28
N ASP A 2 -27.22 1.54 15.14
CA ASP A 2 -25.98 0.85 14.77
C ASP A 2 -24.92 1.91 14.47
N GLU A 3 -24.17 2.32 15.49
CA GLU A 3 -23.16 3.34 15.29
C GLU A 3 -21.97 2.92 14.45
N LEU A 4 -21.58 1.65 14.56
CA LEU A 4 -20.45 1.18 13.76
C LEU A 4 -20.84 1.22 12.28
N TYR A 5 -22.07 0.83 11.96
CA TYR A 5 -22.51 0.85 10.58
C TYR A 5 -22.57 2.27 10.05
N ARG A 6 -23.18 3.17 10.81
CA ARG A 6 -23.31 4.56 10.36
C ARG A 6 -21.95 5.20 10.12
N GLN A 7 -21.00 4.92 11.02
CA GLN A 7 -19.67 5.51 10.84
C GLN A 7 -18.92 4.91 9.69
N SER A 8 -19.06 3.60 9.50
CA SER A 8 -18.38 2.93 8.40
C SER A 8 -18.88 3.48 7.07
N LEU A 9 -20.20 3.64 6.95
CA LEU A 9 -20.78 4.16 5.71
C LEU A 9 -20.31 5.59 5.42
N GLU A 10 -20.26 6.44 6.45
CA GLU A 10 -19.82 7.80 6.22
C GLU A 10 -18.37 7.85 5.73
N ILE A 11 -17.51 7.05 6.35
CA ILE A 11 -16.11 7.02 5.96
C ILE A 11 -15.91 6.46 4.56
N ILE A 12 -16.54 5.34 4.28
CA ILE A 12 -16.44 4.68 2.98
C ILE A 12 -17.08 5.53 1.86
N SER A 13 -18.25 6.10 2.12
CA SER A 13 -18.91 6.92 1.14
C SER A 13 -18.08 8.16 0.80
N ARG A 14 -17.56 8.84 1.81
CA ARG A 14 -16.76 10.03 1.54
C ARG A 14 -15.50 9.74 0.76
N TYR A 15 -14.80 8.67 1.11
CA TYR A 15 -13.57 8.33 0.39
C TYR A 15 -13.90 8.00 -1.07
N LEU A 16 -14.90 7.15 -1.30
CA LEU A 16 -15.24 6.81 -2.67
C LEU A 16 -15.65 8.04 -3.48
N ARG A 17 -16.53 8.88 -2.91
CA ARG A 17 -16.98 10.07 -3.61
C ARG A 17 -15.81 11.02 -3.90
N GLU A 18 -14.92 11.17 -2.92
CA GLU A 18 -13.77 12.04 -3.05
C GLU A 18 -12.81 11.53 -4.12
N GLN A 19 -12.67 10.23 -4.20
CA GLN A 19 -11.79 9.63 -5.19
C GLN A 19 -12.34 9.84 -6.58
N ALA A 20 -13.65 9.68 -6.70
CA ALA A 20 -14.29 9.83 -8.01
C ALA A 20 -14.40 11.27 -8.51
N THR A 21 -14.63 12.22 -7.62
CA THR A 21 -14.77 13.60 -8.06
C THR A 21 -13.51 14.46 -7.96
N GLY A 22 -12.56 14.04 -7.14
CA GLY A 22 -11.35 14.82 -6.97
C GLY A 22 -11.55 16.01 -6.05
N ALA A 23 -12.68 16.05 -5.36
CA ALA A 23 -12.98 17.12 -4.44
C ALA A 23 -13.43 16.62 -3.07
N LYS A 24 -13.04 17.33 -2.01
CA LYS A 24 -13.41 16.93 -0.66
C LYS A 24 -14.82 17.42 -0.31
N ASP A 25 -15.51 16.67 0.55
CA ASP A 25 -16.85 17.03 0.98
C ASP A 25 -16.63 17.86 2.24
N THR A 26 -16.94 19.15 2.17
CA THR A 26 -16.73 20.01 3.34
C THR A 26 -17.79 19.93 4.43
N LYS A 27 -18.80 19.08 4.23
CA LYS A 27 -19.84 18.92 5.23
C LYS A 27 -19.24 18.38 6.51
N PRO A 28 -19.84 18.73 7.67
CA PRO A 28 -19.26 18.22 8.92
C PRO A 28 -19.54 16.71 9.02
N MET A 29 -18.73 16.00 9.79
CA MET A 29 -18.92 14.59 9.98
C MET A 29 -20.04 14.44 10.99
N GLY A 30 -20.69 13.28 10.97
CA GLY A 30 -21.74 13.04 11.95
C GLY A 30 -21.05 12.63 13.23
N ARG A 31 -21.64 11.70 13.96
CA ARG A 31 -21.09 11.21 15.21
C ARG A 31 -19.65 10.67 15.02
N SER A 32 -18.86 10.74 16.09
CA SER A 32 -17.47 10.29 16.08
C SER A 32 -16.67 10.95 14.97
N GLY A 33 -16.98 12.22 14.71
CA GLY A 33 -16.30 12.95 13.65
C GLY A 33 -14.78 12.96 13.72
N ALA A 34 -14.22 13.24 14.89
CA ALA A 34 -12.76 13.28 15.03
C ALA A 34 -12.15 12.01 14.46
N THR A 35 -12.63 10.85 14.91
CA THR A 35 -12.12 9.57 14.44
C THR A 35 -12.35 9.38 12.95
N SER A 36 -13.55 9.70 12.48
CA SER A 36 -13.84 9.55 11.06
C SER A 36 -12.92 10.41 10.19
N ARG A 37 -12.60 11.62 10.67
CA ARG A 37 -11.71 12.48 9.91
C ARG A 37 -10.32 11.87 9.79
N LYS A 38 -9.84 11.28 10.88
CA LYS A 38 -8.52 10.66 10.88
C LYS A 38 -8.56 9.38 10.05
N ALA A 39 -9.70 8.69 10.08
CA ALA A 39 -9.84 7.48 9.29
C ALA A 39 -9.76 7.83 7.80
N LEU A 40 -10.34 8.97 7.44
CA LEU A 40 -10.37 9.42 6.06
C LEU A 40 -8.96 9.84 5.61
N GLU A 41 -8.21 10.51 6.48
CA GLU A 41 -6.85 10.89 6.08
C GLU A 41 -5.98 9.66 5.90
N THR A 42 -6.22 8.65 6.74
CA THR A 42 -5.48 7.39 6.70
C THR A 42 -5.73 6.69 5.36
N LEU A 43 -6.98 6.72 4.92
CA LEU A 43 -7.40 6.11 3.67
C LEU A 43 -6.78 6.83 2.50
N ARG A 44 -6.72 8.16 2.57
CA ARG A 44 -6.12 8.92 1.48
C ARG A 44 -4.63 8.57 1.34
N ARG A 45 -3.98 8.26 2.46
CA ARG A 45 -2.59 7.94 2.46
C ARG A 45 -2.29 6.51 2.06
N VAL A 46 -2.99 5.55 2.65
CA VAL A 46 -2.76 4.13 2.35
C VAL A 46 -3.61 3.60 1.24
N GLY A 47 -4.83 4.10 1.13
CA GLY A 47 -5.72 3.62 0.10
C GLY A 47 -5.18 3.98 -1.29
N ASP A 48 -4.70 5.23 -1.44
CA ASP A 48 -4.17 5.71 -2.70
C ASP A 48 -2.96 4.89 -3.10
N GLY A 49 -2.11 4.56 -2.13
CA GLY A 49 -0.92 3.78 -2.39
C GLY A 49 -1.29 2.41 -2.92
N VAL A 50 -2.30 1.78 -2.31
CA VAL A 50 -2.76 0.45 -2.72
C VAL A 50 -3.19 0.41 -4.18
N GLN A 51 -3.97 1.40 -4.61
CA GLN A 51 -4.43 1.43 -5.99
C GLN A 51 -3.28 1.53 -6.98
N ARG A 52 -2.16 2.12 -6.57
CA ARG A 52 -1.00 2.22 -7.45
C ARG A 52 -0.14 0.96 -7.40
N ASN A 53 0.13 0.45 -6.19
CA ASN A 53 0.94 -0.74 -6.06
C ASN A 53 0.33 -1.95 -6.76
N HIS A 54 -0.98 -1.98 -6.88
CA HIS A 54 -1.64 -3.11 -7.49
C HIS A 54 -2.49 -2.72 -8.71
N GLU A 55 -2.11 -1.60 -9.32
CA GLU A 55 -2.80 -1.05 -10.48
C GLU A 55 -3.08 -2.04 -11.60
N THR A 56 -2.13 -2.92 -11.91
CA THR A 56 -2.37 -3.88 -12.99
C THR A 56 -3.45 -4.89 -12.60
N ALA A 57 -3.38 -5.43 -11.38
CA ALA A 57 -4.37 -6.39 -10.92
C ALA A 57 -5.73 -5.71 -10.80
N PHE A 58 -5.73 -4.48 -10.30
CA PHE A 58 -6.97 -3.73 -10.15
C PHE A 58 -7.62 -3.52 -11.52
N GLN A 59 -6.81 -3.15 -12.51
CA GLN A 59 -7.30 -2.94 -13.87
C GLN A 59 -7.85 -4.24 -14.43
N GLY A 60 -7.16 -5.34 -14.14
CA GLY A 60 -7.61 -6.65 -14.59
C GLY A 60 -8.94 -7.09 -14.01
N MET A 61 -9.12 -6.91 -12.71
CA MET A 61 -10.35 -7.30 -12.05
C MET A 61 -11.50 -6.44 -12.56
N LEU A 62 -11.25 -5.14 -12.70
CA LEU A 62 -12.26 -4.21 -13.19
C LEU A 62 -12.74 -4.69 -14.55
N ARG A 63 -11.79 -5.08 -15.40
CA ARG A 63 -12.14 -5.56 -16.73
C ARG A 63 -13.00 -6.81 -16.66
N LYS A 64 -12.61 -7.73 -15.79
CA LYS A 64 -13.37 -9.00 -15.61
C LYS A 64 -14.81 -8.74 -15.20
N LEU A 65 -14.98 -7.76 -14.32
CA LEU A 65 -16.29 -7.41 -13.80
C LEU A 65 -17.19 -6.73 -14.84
N ASP A 66 -16.56 -6.17 -15.86
CA ASP A 66 -17.26 -5.50 -16.95
C ASP A 66 -18.49 -4.74 -16.44
N ILE A 67 -18.25 -3.61 -15.77
CA ILE A 67 -19.33 -2.81 -15.24
C ILE A 67 -19.79 -1.74 -16.23
N LYS A 68 -21.04 -1.90 -16.67
CA LYS A 68 -21.65 -1.00 -17.64
C LYS A 68 -22.92 -0.32 -17.14
N ASN A 69 -23.54 -0.83 -16.08
CA ASN A 69 -24.79 -0.29 -15.60
C ASN A 69 -25.10 -0.65 -14.14
N GLU A 70 -26.30 -0.29 -13.69
CA GLU A 70 -26.73 -0.57 -12.32
C GLU A 70 -26.77 -2.06 -11.98
N ASP A 71 -27.28 -2.87 -12.89
CA ASP A 71 -27.36 -4.29 -12.62
C ASP A 71 -25.94 -4.82 -12.36
N ASP A 72 -24.98 -4.36 -13.15
CA ASP A 72 -23.60 -4.80 -12.97
C ASP A 72 -23.10 -4.37 -11.61
N VAL A 73 -23.53 -3.17 -11.18
CA VAL A 73 -23.13 -2.64 -9.88
C VAL A 73 -23.71 -3.52 -8.77
N LYS A 74 -24.94 -3.99 -8.95
CA LYS A 74 -25.58 -4.83 -7.94
C LYS A 74 -24.94 -6.22 -7.86
N SER A 75 -24.30 -6.67 -8.94
CA SER A 75 -23.67 -7.98 -8.91
C SER A 75 -22.36 -8.01 -8.13
N LEU A 76 -21.85 -6.83 -7.77
CA LEU A 76 -20.61 -6.73 -7.04
C LEU A 76 -20.68 -7.26 -5.61
N SER A 77 -21.87 -7.30 -5.02
CA SER A 77 -22.01 -7.76 -3.64
C SER A 77 -21.64 -9.23 -3.51
N ARG A 78 -22.14 -10.07 -4.42
CA ARG A 78 -21.80 -11.49 -4.36
C ARG A 78 -20.29 -11.71 -4.50
N VAL A 79 -19.66 -10.94 -5.37
CA VAL A 79 -18.23 -11.05 -5.59
C VAL A 79 -17.45 -10.61 -4.33
N MET A 80 -17.87 -9.53 -3.68
CA MET A 80 -17.17 -9.07 -2.46
C MET A 80 -17.28 -10.12 -1.36
N ILE A 81 -18.43 -10.75 -1.26
CA ILE A 81 -18.64 -11.77 -0.23
C ILE A 81 -17.75 -12.98 -0.52
N HIS A 82 -17.68 -13.35 -1.80
CA HIS A 82 -16.87 -14.48 -2.24
C HIS A 82 -15.39 -14.26 -1.97
N VAL A 83 -14.89 -13.12 -2.38
CA VAL A 83 -13.46 -12.80 -2.22
C VAL A 83 -12.99 -12.23 -0.88
N PHE A 84 -13.71 -11.25 -0.35
CA PHE A 84 -13.32 -10.63 0.92
C PHE A 84 -13.78 -11.38 2.17
N SER A 85 -15.08 -11.61 2.26
CA SER A 85 -15.61 -12.27 3.44
C SER A 85 -15.07 -13.67 3.67
N ASP A 86 -14.94 -14.46 2.61
CA ASP A 86 -14.46 -15.81 2.73
C ASP A 86 -12.94 -15.87 2.79
N GLY A 87 -12.38 -15.28 3.83
CA GLY A 87 -10.95 -15.27 4.02
C GLY A 87 -10.60 -14.75 5.38
N VAL A 88 -9.32 -14.86 5.73
CA VAL A 88 -8.87 -14.38 7.03
C VAL A 88 -8.98 -12.86 7.00
N THR A 89 -9.34 -12.28 8.13
CA THR A 89 -9.49 -10.83 8.19
C THR A 89 -8.30 -10.10 8.79
N ASN A 90 -7.88 -9.02 8.14
CA ASN A 90 -6.80 -8.17 8.66
C ASN A 90 -7.02 -6.78 8.06
N TRP A 91 -6.44 -5.75 8.67
CA TRP A 91 -6.65 -4.41 8.17
C TRP A 91 -6.26 -4.21 6.70
N GLY A 92 -5.25 -4.96 6.26
CA GLY A 92 -4.80 -4.85 4.88
C GLY A 92 -5.91 -5.24 3.91
N ARG A 93 -6.58 -6.35 4.17
CA ARG A 93 -7.64 -6.78 3.28
C ARG A 93 -8.83 -5.82 3.32
N ILE A 94 -9.07 -5.21 4.47
CA ILE A 94 -10.17 -4.26 4.55
C ILE A 94 -9.79 -3.03 3.73
N VAL A 95 -8.50 -2.67 3.73
CA VAL A 95 -8.07 -1.52 2.94
C VAL A 95 -8.17 -1.85 1.46
N THR A 96 -7.87 -3.09 1.10
CA THR A 96 -7.97 -3.47 -0.30
C THR A 96 -9.43 -3.43 -0.75
N LEU A 97 -10.32 -3.93 0.11
CA LEU A 97 -11.75 -3.93 -0.18
C LEU A 97 -12.24 -2.51 -0.52
N ILE A 98 -11.90 -1.57 0.34
CA ILE A 98 -12.33 -0.18 0.16
C ILE A 98 -11.57 0.49 -0.98
N SER A 99 -10.28 0.19 -1.10
CA SER A 99 -9.46 0.77 -2.16
C SER A 99 -9.93 0.36 -3.55
N PHE A 100 -10.29 -0.90 -3.72
CA PHE A 100 -10.77 -1.32 -5.02
C PHE A 100 -12.15 -0.68 -5.24
N GLY A 101 -12.88 -0.46 -4.15
CA GLY A 101 -14.17 0.19 -4.26
C GLY A 101 -14.00 1.59 -4.83
N ALA A 102 -12.95 2.28 -4.40
CA ALA A 102 -12.68 3.62 -4.89
C ALA A 102 -12.25 3.53 -6.35
N PHE A 103 -11.56 2.44 -6.70
CA PHE A 103 -11.10 2.23 -8.07
C PHE A 103 -12.33 2.10 -8.94
N VAL A 104 -13.32 1.37 -8.44
CA VAL A 104 -14.56 1.18 -9.17
C VAL A 104 -15.29 2.52 -9.26
N ALA A 105 -15.32 3.26 -8.16
CA ALA A 105 -15.98 4.56 -8.12
C ALA A 105 -15.47 5.47 -9.24
N LYS A 106 -14.15 5.52 -9.43
CA LYS A 106 -13.59 6.32 -10.49
C LYS A 106 -14.11 5.85 -11.83
N HIS A 107 -14.21 4.55 -12.00
CA HIS A 107 -14.73 3.97 -13.24
C HIS A 107 -16.16 4.44 -13.50
N LEU A 108 -17.01 4.34 -12.48
CA LEU A 108 -18.39 4.76 -12.61
C LEU A 108 -18.51 6.19 -13.12
N LYS A 109 -17.59 7.05 -12.73
CA LYS A 109 -17.64 8.44 -13.19
C LYS A 109 -17.21 8.51 -14.63
N THR A 110 -16.34 7.60 -15.06
CA THR A 110 -15.89 7.61 -16.46
C THR A 110 -17.02 7.19 -17.39
N ILE A 111 -17.92 6.33 -16.89
CA ILE A 111 -19.03 5.90 -17.74
C ILE A 111 -20.34 6.60 -17.39
N ASN A 112 -20.22 7.78 -16.79
CA ASN A 112 -21.38 8.58 -16.43
C ASN A 112 -22.47 7.82 -15.64
N GLN A 113 -22.03 7.10 -14.61
CA GLN A 113 -22.94 6.35 -13.74
C GLN A 113 -22.57 6.74 -12.30
N GLU A 114 -22.35 8.04 -12.10
CA GLU A 114 -21.98 8.59 -10.81
C GLU A 114 -23.01 8.36 -9.72
N SER A 115 -24.28 8.24 -10.11
CA SER A 115 -25.36 8.04 -9.15
C SER A 115 -25.25 6.68 -8.45
N CYS A 116 -24.41 5.82 -9.00
CA CYS A 116 -24.22 4.46 -8.44
C CYS A 116 -23.14 4.43 -7.37
N ILE A 117 -22.42 5.52 -7.20
CA ILE A 117 -21.35 5.56 -6.21
C ILE A 117 -21.83 5.39 -4.75
N GLU A 118 -22.90 6.09 -4.36
CA GLU A 118 -23.37 5.94 -3.00
C GLU A 118 -23.95 4.52 -2.78
N PRO A 119 -24.70 3.99 -3.75
CA PRO A 119 -25.24 2.64 -3.54
C PRO A 119 -24.08 1.64 -3.43
N LEU A 120 -22.98 1.93 -4.12
CA LEU A 120 -21.80 1.06 -4.10
C LEU A 120 -21.18 1.10 -2.70
N ALA A 121 -21.05 2.31 -2.17
CA ALA A 121 -20.48 2.49 -0.83
C ALA A 121 -21.33 1.73 0.19
N GLU A 122 -22.65 1.77 0.02
CA GLU A 122 -23.56 1.08 0.91
C GLU A 122 -23.33 -0.43 0.85
N SER A 123 -23.11 -0.94 -0.35
CA SER A 123 -22.87 -2.36 -0.56
C SER A 123 -21.55 -2.80 0.07
N ILE A 124 -20.54 -1.96 -0.02
CA ILE A 124 -19.23 -2.29 0.56
C ILE A 124 -19.36 -2.31 2.08
N THR A 125 -20.07 -1.32 2.60
CA THR A 125 -20.28 -1.22 4.04
C THR A 125 -21.03 -2.44 4.58
N ASP A 126 -22.03 -2.91 3.84
CA ASP A 126 -22.80 -4.07 4.27
C ASP A 126 -21.90 -5.27 4.41
N VAL A 127 -21.09 -5.51 3.39
CA VAL A 127 -20.19 -6.65 3.39
C VAL A 127 -19.22 -6.56 4.57
N LEU A 128 -18.58 -5.41 4.71
CA LEU A 128 -17.63 -5.20 5.78
C LEU A 128 -18.20 -5.35 7.18
N VAL A 129 -19.21 -4.54 7.48
CA VAL A 129 -19.81 -4.54 8.81
C VAL A 129 -20.68 -5.73 9.15
N ARG A 130 -21.51 -6.18 8.20
CA ARG A 130 -22.37 -7.31 8.50
C ARG A 130 -21.75 -8.69 8.49
N THR A 131 -20.57 -8.83 7.88
CA THR A 131 -19.90 -10.14 7.89
C THR A 131 -18.67 -10.17 8.81
N LYS A 132 -18.17 -8.99 9.19
CA LYS A 132 -16.96 -8.93 10.04
C LYS A 132 -17.12 -8.07 11.30
N ARG A 133 -18.33 -7.92 11.80
CA ARG A 133 -18.55 -7.10 13.00
C ARG A 133 -17.73 -7.57 14.20
N ASP A 134 -17.74 -8.87 14.47
CA ASP A 134 -17.00 -9.37 15.62
C ASP A 134 -15.52 -8.97 15.56
N TRP A 135 -14.91 -9.17 14.40
CA TRP A 135 -13.50 -8.83 14.23
C TRP A 135 -13.29 -7.34 14.42
N LEU A 136 -14.14 -6.53 13.78
CA LEU A 136 -14.04 -5.09 13.87
C LEU A 136 -14.15 -4.61 15.31
N VAL A 137 -15.13 -5.14 16.04
CA VAL A 137 -15.30 -4.75 17.43
C VAL A 137 -14.05 -5.14 18.23
N LYS A 138 -13.53 -6.34 18.00
CA LYS A 138 -12.35 -6.78 18.73
C LYS A 138 -11.11 -5.93 18.43
N GLN A 139 -11.04 -5.37 17.24
CA GLN A 139 -9.91 -4.54 16.84
C GLN A 139 -10.15 -3.05 17.07
N ARG A 140 -11.13 -2.73 17.91
CA ARG A 140 -11.47 -1.36 18.27
C ARG A 140 -12.00 -0.50 17.13
N GLY A 141 -12.70 -1.13 16.19
CA GLY A 141 -13.28 -0.41 15.08
C GLY A 141 -12.40 0.61 14.39
N TRP A 142 -12.96 1.76 14.08
CA TRP A 142 -12.19 2.79 13.39
C TRP A 142 -11.08 3.45 14.22
N ASP A 143 -11.21 3.43 15.54
CA ASP A 143 -10.15 3.97 16.38
C ASP A 143 -8.95 3.04 16.18
N GLY A 144 -9.23 1.74 16.11
CA GLY A 144 -8.18 0.76 15.90
C GLY A 144 -7.55 0.91 14.52
N PHE A 145 -8.38 1.20 13.53
CA PHE A 145 -7.92 1.40 12.16
C PHE A 145 -6.90 2.54 12.15
N VAL A 146 -7.29 3.66 12.75
CA VAL A 146 -6.40 4.83 12.81
C VAL A 146 -5.09 4.52 13.55
N GLU A 147 -5.20 3.83 14.68
CA GLU A 147 -4.02 3.47 15.46
C GLU A 147 -3.10 2.50 14.72
N PHE A 148 -3.69 1.55 13.99
CA PHE A 148 -2.89 0.56 13.28
C PHE A 148 -1.94 1.17 12.25
N PHE A 149 -2.44 2.15 11.50
CA PHE A 149 -1.67 2.81 10.45
C PHE A 149 -1.02 4.10 10.90
N HIS A 150 -1.03 4.36 12.19
CA HIS A 150 -0.44 5.60 12.75
C HIS A 150 1.02 5.88 12.33
N VAL A 151 1.24 7.11 11.89
CA VAL A 151 2.56 7.58 11.43
C VAL A 151 3.26 8.19 12.62
N GLU B 1 30.20 6.28 -15.55
CA GLU B 1 29.66 5.70 -14.27
C GLU B 1 28.17 5.37 -14.42
N ASP B 2 27.65 4.65 -13.44
CA ASP B 2 26.27 4.21 -13.45
C ASP B 2 25.41 5.15 -12.64
N GLU B 3 24.82 6.14 -13.30
CA GLU B 3 23.98 7.11 -12.63
C GLU B 3 22.75 6.46 -12.00
N LEU B 4 22.10 5.57 -12.75
CA LEU B 4 20.93 4.90 -12.23
C LEU B 4 21.27 4.04 -11.01
N TYR B 5 22.39 3.34 -11.07
CA TYR B 5 22.76 2.51 -9.94
C TYR B 5 23.09 3.36 -8.71
N ARG B 6 23.90 4.40 -8.91
CA ARG B 6 24.29 5.29 -7.81
C ARG B 6 23.08 5.87 -7.12
N GLN B 7 22.15 6.36 -7.93
CA GLN B 7 20.94 6.96 -7.43
C GLN B 7 20.08 5.96 -6.66
N SER B 8 19.91 4.78 -7.24
CA SER B 8 19.11 3.72 -6.61
C SER B 8 19.72 3.30 -5.29
N LEU B 9 21.05 3.22 -5.24
CA LEU B 9 21.70 2.79 -4.00
C LEU B 9 21.49 3.80 -2.88
N GLU B 10 21.56 5.08 -3.20
CA GLU B 10 21.37 6.10 -2.19
C GLU B 10 19.95 6.12 -1.68
N ILE B 11 18.97 6.08 -2.57
CA ILE B 11 17.57 6.08 -2.17
C ILE B 11 17.24 4.88 -1.25
N ILE B 12 17.60 3.68 -1.70
CA ILE B 12 17.33 2.46 -0.96
C ILE B 12 18.11 2.37 0.35
N SER B 13 19.37 2.78 0.32
CA SER B 13 20.21 2.77 1.51
C SER B 13 19.64 3.70 2.56
N ARG B 14 19.28 4.90 2.12
CA ARG B 14 18.74 5.89 3.04
C ARG B 14 17.40 5.45 3.66
N TYR B 15 16.54 4.84 2.86
CA TYR B 15 15.25 4.38 3.39
C TYR B 15 15.45 3.29 4.43
N LEU B 16 16.25 2.28 4.11
CA LEU B 16 16.50 1.20 5.05
C LEU B 16 17.16 1.66 6.35
N ARG B 17 18.06 2.63 6.26
CA ARG B 17 18.73 3.12 7.46
C ARG B 17 17.82 3.93 8.36
N GLU B 18 17.03 4.84 7.80
CA GLU B 18 16.14 5.62 8.66
C GLU B 18 15.01 4.77 9.22
N GLN B 19 14.62 3.74 8.48
CA GLN B 19 13.58 2.84 8.96
C GLN B 19 14.09 2.08 10.18
N ALA B 20 15.36 1.68 10.15
CA ALA B 20 15.95 0.94 11.24
C ALA B 20 16.33 1.81 12.44
N THR B 21 16.63 3.08 12.19
CA THR B 21 17.04 4.02 13.24
C THR B 21 15.90 4.91 13.75
N GLY B 22 15.05 5.39 12.85
CA GLY B 22 13.94 6.24 13.23
C GLY B 22 14.20 7.72 12.99
N ALA B 23 15.31 8.03 12.31
CA ALA B 23 15.67 9.41 12.04
C ALA B 23 15.87 9.70 10.56
N LYS B 24 15.58 10.95 10.17
CA LYS B 24 15.71 11.40 8.77
C LYS B 24 17.10 12.01 8.60
N ASP B 25 17.79 11.67 7.50
CA ASP B 25 19.12 12.23 7.23
C ASP B 25 18.92 13.56 6.52
N THR B 26 19.42 14.64 7.12
CA THR B 26 19.29 15.99 6.57
C THR B 26 20.25 16.42 5.45
N LYS B 27 21.21 15.55 5.12
CA LYS B 27 22.17 15.89 4.07
C LYS B 27 21.55 15.82 2.69
N PRO B 28 22.01 16.68 1.77
CA PRO B 28 21.45 16.64 0.41
C PRO B 28 21.87 15.36 -0.30
N MET B 29 21.03 14.90 -1.22
CA MET B 29 21.35 13.71 -1.99
C MET B 29 22.49 14.09 -2.91
N GLY B 30 23.19 13.09 -3.46
CA GLY B 30 24.28 13.40 -4.38
C GLY B 30 23.69 14.09 -5.59
N SER B 32 18.70 15.96 -10.29
CA SER B 32 18.42 14.58 -9.93
C SER B 32 18.36 14.49 -8.42
N GLY B 33 19.12 15.36 -7.77
CA GLY B 33 19.12 15.39 -6.33
C GLY B 33 17.68 15.56 -5.92
N ALA B 34 16.97 16.38 -6.67
CA ALA B 34 15.55 16.68 -6.44
C ALA B 34 14.77 15.37 -6.50
N THR B 35 15.02 14.60 -7.55
CA THR B 35 14.36 13.29 -7.77
C THR B 35 14.64 12.30 -6.64
N SER B 36 15.89 12.17 -6.23
CA SER B 36 16.23 11.25 -5.16
C SER B 36 15.50 11.62 -3.89
N ARG B 37 15.46 12.91 -3.57
CA ARG B 37 14.77 13.37 -2.37
C ARG B 37 13.28 13.04 -2.43
N LYS B 38 12.66 13.31 -3.58
CA LYS B 38 11.24 13.04 -3.74
C LYS B 38 10.98 11.52 -3.76
N ALA B 39 11.96 10.75 -4.24
CA ALA B 39 11.80 9.30 -4.28
C ALA B 39 11.79 8.77 -2.85
N LEU B 40 12.64 9.35 -2.02
CA LEU B 40 12.71 8.93 -0.62
C LEU B 40 11.40 9.27 0.11
N GLU B 41 10.86 10.44 -0.17
CA GLU B 41 9.61 10.85 0.46
C GLU B 41 8.48 9.93 0.06
N THR B 42 8.47 9.52 -1.20
CA THR B 42 7.44 8.61 -1.72
C THR B 42 7.53 7.27 -1.00
N LEU B 43 8.76 6.80 -0.78
CA LEU B 43 8.93 5.54 -0.07
C LEU B 43 8.48 5.64 1.38
N ARG B 44 8.65 6.80 1.99
CA ARG B 44 8.21 6.96 3.36
C ARG B 44 6.70 6.88 3.46
N ARG B 45 6.04 7.40 2.43
CA ARG B 45 4.60 7.39 2.38
C ARG B 45 4.04 6.03 1.98
N VAL B 46 4.49 5.51 0.84
CA VAL B 46 4.01 4.22 0.32
C VAL B 46 4.63 3.00 1.02
N GLY B 47 5.95 3.02 1.19
CA GLY B 47 6.61 1.91 1.84
C GLY B 47 6.02 1.58 3.20
N ASP B 48 5.77 2.61 4.01
CA ASP B 48 5.20 2.40 5.33
C ASP B 48 3.81 1.75 5.26
N GLY B 49 2.98 2.17 4.32
CA GLY B 49 1.67 1.56 4.20
C GLY B 49 1.74 0.09 3.85
N VAL B 50 2.69 -0.28 2.98
CA VAL B 50 2.83 -1.67 2.57
C VAL B 50 3.16 -2.59 3.76
N GLN B 51 4.10 -2.17 4.59
CA GLN B 51 4.50 -2.95 5.76
C GLN B 51 3.32 -3.21 6.71
N ARG B 52 2.34 -2.30 6.70
CA ARG B 52 1.15 -2.42 7.53
C ARG B 52 0.08 -3.28 6.84
N ASN B 53 -0.26 -2.93 5.61
CA ASN B 53 -1.24 -3.69 4.87
C ASN B 53 -0.87 -5.14 4.76
N HIS B 54 0.43 -5.42 4.75
CA HIS B 54 0.90 -6.78 4.64
C HIS B 54 1.69 -7.27 5.84
N GLU B 55 1.38 -6.68 6.99
CA GLU B 55 2.04 -7.02 8.25
C GLU B 55 2.14 -8.53 8.50
N THR B 56 1.02 -9.22 8.37
CA THR B 56 1.01 -10.66 8.62
C THR B 56 1.96 -11.44 7.72
N ALA B 57 1.89 -11.18 6.41
CA ALA B 57 2.76 -11.90 5.47
C ALA B 57 4.22 -11.51 5.69
N PHE B 58 4.48 -10.25 6.05
CA PHE B 58 5.83 -9.78 6.28
C PHE B 58 6.40 -10.49 7.50
N GLN B 59 5.62 -10.56 8.57
CA GLN B 59 6.06 -11.24 9.78
C GLN B 59 6.37 -12.70 9.43
N GLY B 60 5.45 -13.33 8.70
CA GLY B 60 5.61 -14.71 8.33
C GLY B 60 6.87 -15.01 7.53
N MET B 61 7.15 -14.18 6.54
CA MET B 61 8.33 -14.38 5.71
C MET B 61 9.61 -14.17 6.51
N LEU B 62 9.66 -13.13 7.35
CA LEU B 62 10.84 -12.85 8.15
C LEU B 62 11.16 -14.06 9.03
N ARG B 63 10.12 -14.64 9.64
CA ARG B 63 10.31 -15.81 10.50
C ARG B 63 10.84 -16.98 9.70
N LYS B 64 10.29 -17.17 8.50
CA LYS B 64 10.69 -18.25 7.63
C LYS B 64 12.17 -18.15 7.27
N LEU B 65 12.62 -16.94 6.96
CA LEU B 65 14.00 -16.68 6.59
C LEU B 65 14.98 -16.94 7.72
N ASP B 66 14.50 -16.77 8.95
CA ASP B 66 15.31 -16.99 10.15
C ASP B 66 16.69 -16.32 10.07
N ILE B 67 16.68 -14.99 10.10
CA ILE B 67 17.92 -14.21 10.01
C ILE B 67 18.59 -13.99 11.35
N LYS B 68 19.74 -14.63 11.53
CA LYS B 68 20.50 -14.53 12.77
C LYS B 68 21.86 -13.87 12.61
N ASN B 69 22.48 -14.04 11.45
CA ASN B 69 23.81 -13.51 11.23
C ASN B 69 24.12 -13.07 9.81
N GLU B 70 25.39 -12.72 9.61
CA GLU B 70 25.89 -12.28 8.32
C GLU B 70 25.65 -13.31 7.21
N ASP B 71 25.85 -14.58 7.53
CA ASP B 71 25.63 -15.62 6.54
C ASP B 71 24.18 -15.64 6.08
N ASP B 72 23.27 -15.51 7.02
CA ASP B 72 21.85 -15.45 6.70
C ASP B 72 21.51 -14.23 5.83
N VAL B 73 22.13 -13.09 6.13
CA VAL B 73 21.89 -11.89 5.35
C VAL B 73 22.38 -12.10 3.92
N LYS B 74 23.55 -12.72 3.78
CA LYS B 74 24.09 -12.97 2.44
C LYS B 74 23.18 -13.94 1.65
N SER B 75 22.52 -14.85 2.34
CA SER B 75 21.64 -15.81 1.67
C SER B 75 20.38 -15.17 1.10
N LEU B 76 20.10 -13.92 1.46
CA LEU B 76 18.90 -13.23 0.98
C LEU B 76 18.92 -12.86 -0.50
N SER B 77 20.11 -12.72 -1.08
CA SER B 77 20.20 -12.36 -2.50
C SER B 77 19.52 -13.41 -3.37
N ARG B 78 19.82 -14.68 -3.12
CA ARG B 78 19.24 -15.79 -3.86
C ARG B 78 17.73 -15.76 -3.77
N VAL B 79 17.21 -15.48 -2.58
CA VAL B 79 15.77 -15.42 -2.38
C VAL B 79 15.16 -14.25 -3.12
N MET B 80 15.81 -13.09 -3.10
CA MET B 80 15.29 -11.93 -3.80
C MET B 80 15.24 -12.18 -5.30
N ILE B 81 16.26 -12.83 -5.84
CA ILE B 81 16.33 -13.12 -7.27
C ILE B 81 15.19 -14.08 -7.62
N HIS B 82 15.01 -15.09 -6.77
CA HIS B 82 13.97 -16.11 -6.96
C HIS B 82 12.57 -15.50 -6.95
N VAL B 83 12.28 -14.73 -5.91
CA VAL B 83 10.95 -14.14 -5.75
C VAL B 83 10.66 -12.87 -6.55
N PHE B 84 11.56 -11.91 -6.51
CA PHE B 84 11.33 -10.65 -7.23
C PHE B 84 11.72 -10.67 -8.71
N SER B 85 12.95 -11.08 -9.00
CA SER B 85 13.42 -11.11 -10.39
C SER B 85 12.64 -12.05 -11.31
N ASP B 86 12.32 -13.24 -10.82
CA ASP B 86 11.59 -14.21 -11.63
C ASP B 86 10.10 -13.98 -11.58
N GLY B 87 9.66 -12.86 -12.16
CA GLY B 87 8.27 -12.52 -12.20
C GLY B 87 8.09 -11.26 -13.00
N VAL B 88 6.84 -10.87 -13.26
CA VAL B 88 6.58 -9.67 -14.02
C VAL B 88 6.97 -8.47 -13.17
N THR B 89 7.40 -7.41 -13.83
CA THR B 89 7.81 -6.20 -13.14
C THR B 89 6.79 -5.08 -13.21
N ASN B 90 6.55 -4.44 -12.07
CA ASN B 90 5.66 -3.27 -12.00
C ASN B 90 6.14 -2.51 -10.77
N TRP B 91 5.76 -1.24 -10.65
CA TRP B 91 6.22 -0.45 -9.51
C TRP B 91 5.82 -1.00 -8.15
N GLY B 92 4.66 -1.66 -8.09
CA GLY B 92 4.22 -2.23 -6.82
C GLY B 92 5.17 -3.30 -6.31
N ARG B 93 5.64 -4.16 -7.22
CA ARG B 93 6.56 -5.22 -6.82
C ARG B 93 7.90 -4.63 -6.41
N ILE B 94 8.27 -3.49 -6.99
CA ILE B 94 9.53 -2.88 -6.62
C ILE B 94 9.38 -2.28 -5.23
N VAL B 95 8.23 -1.69 -4.94
CA VAL B 95 8.00 -1.11 -3.63
C VAL B 95 7.98 -2.26 -2.59
N THR B 96 7.36 -3.38 -2.92
CA THR B 96 7.34 -4.51 -2.00
C THR B 96 8.77 -4.99 -1.71
N LEU B 97 9.60 -5.07 -2.75
CA LEU B 97 10.99 -5.49 -2.60
C LEU B 97 11.71 -4.60 -1.58
N ILE B 98 11.60 -3.30 -1.78
CA ILE B 98 12.23 -2.31 -0.92
C ILE B 98 11.61 -2.24 0.47
N SER B 99 10.29 -2.35 0.54
CA SER B 99 9.56 -2.29 1.80
C SER B 99 9.87 -3.48 2.71
N PHE B 100 9.95 -4.68 2.14
CA PHE B 100 10.30 -5.83 2.98
C PHE B 100 11.77 -5.64 3.34
N GLY B 101 12.51 -5.00 2.47
CA GLY B 101 13.91 -4.73 2.73
C GLY B 101 14.05 -3.92 4.02
N ALA B 102 13.19 -2.92 4.17
CA ALA B 102 13.21 -2.06 5.35
C ALA B 102 12.78 -2.86 6.59
N PHE B 103 11.80 -3.75 6.39
CA PHE B 103 11.27 -4.60 7.46
C PHE B 103 12.42 -5.45 8.00
N VAL B 104 13.25 -5.94 7.10
CA VAL B 104 14.40 -6.75 7.48
C VAL B 104 15.47 -5.88 8.14
N ALA B 105 15.58 -4.63 7.69
CA ALA B 105 16.56 -3.71 8.24
C ALA B 105 16.21 -3.43 9.70
N LYS B 106 14.93 -3.24 9.97
CA LYS B 106 14.45 -2.98 11.32
C LYS B 106 14.77 -4.20 12.20
N HIS B 107 14.54 -5.39 11.67
CA HIS B 107 14.85 -6.62 12.38
C HIS B 107 16.33 -6.69 12.70
N LEU B 108 17.17 -6.32 11.74
CA LEU B 108 18.61 -6.36 11.93
C LEU B 108 19.08 -5.42 13.06
N LYS B 109 18.42 -4.28 13.19
CA LYS B 109 18.75 -3.33 14.24
C LYS B 109 18.28 -3.92 15.55
N THR B 110 17.03 -4.38 15.56
CA THR B 110 16.44 -4.96 16.76
C THR B 110 17.29 -6.07 17.37
N ILE B 111 17.92 -6.90 16.52
CA ILE B 111 18.75 -7.98 17.03
C ILE B 111 20.23 -7.64 17.08
N ASN B 112 20.52 -6.34 17.08
CA ASN B 112 21.88 -5.84 17.11
C ASN B 112 22.86 -6.37 16.07
N GLN B 113 22.44 -6.28 14.81
CA GLN B 113 23.26 -6.68 13.68
C GLN B 113 23.19 -5.51 12.71
N GLU B 114 23.21 -4.31 13.27
CA GLU B 114 23.12 -3.07 12.50
C GLU B 114 24.09 -2.89 11.34
N SER B 115 25.31 -3.41 11.48
CA SER B 115 26.31 -3.27 10.42
C SER B 115 25.95 -4.05 9.14
N CYS B 116 24.92 -4.88 9.23
CA CYS B 116 24.49 -5.67 8.08
C CYS B 116 23.50 -4.94 7.19
N ILE B 117 23.01 -3.79 7.66
CA ILE B 117 22.02 -3.03 6.90
C ILE B 117 22.55 -2.45 5.60
N GLU B 118 23.67 -1.74 5.65
CA GLU B 118 24.24 -1.15 4.45
C GLU B 118 24.53 -2.23 3.41
N PRO B 119 25.11 -3.36 3.83
CA PRO B 119 25.40 -4.44 2.88
C PRO B 119 24.10 -4.97 2.26
N LEU B 120 23.05 -5.00 3.06
CA LEU B 120 21.75 -5.48 2.61
C LEU B 120 21.16 -4.52 1.57
N ALA B 121 21.25 -3.23 1.85
CA ALA B 121 20.75 -2.21 0.92
C ALA B 121 21.45 -2.39 -0.43
N GLU B 122 22.74 -2.67 -0.38
CA GLU B 122 23.52 -2.87 -1.58
C GLU B 122 23.04 -4.11 -2.34
N SER B 123 22.72 -5.17 -1.61
CA SER B 123 22.24 -6.40 -2.24
C SER B 123 20.91 -6.20 -2.95
N ILE B 124 20.03 -5.42 -2.32
CA ILE B 124 18.73 -5.13 -2.89
C ILE B 124 18.90 -4.31 -4.16
N THR B 125 19.79 -3.32 -4.09
CA THR B 125 20.04 -2.46 -5.25
C THR B 125 20.59 -3.27 -6.42
N ASP B 126 21.47 -4.23 -6.12
CA ASP B 126 22.02 -5.05 -7.18
C ASP B 126 20.88 -5.82 -7.84
N VAL B 127 20.05 -6.46 -7.03
CA VAL B 127 18.93 -7.22 -7.57
C VAL B 127 18.05 -6.34 -8.45
N LEU B 128 17.64 -5.19 -7.92
CA LEU B 128 16.79 -4.28 -8.67
C LEU B 128 17.39 -3.76 -9.95
N VAL B 129 18.53 -3.09 -9.85
CA VAL B 129 19.17 -2.50 -11.02
C VAL B 129 19.83 -3.46 -11.98
N ARG B 130 20.53 -4.47 -11.48
CA ARG B 130 21.22 -5.42 -12.35
C ARG B 130 20.32 -6.42 -13.06
N THR B 131 19.11 -6.65 -12.57
CA THR B 131 18.21 -7.58 -13.23
C THR B 131 17.01 -6.92 -13.93
N LYS B 132 16.74 -5.65 -13.63
CA LYS B 132 15.61 -4.96 -14.25
C LYS B 132 15.95 -3.62 -14.90
N ARG B 133 17.21 -3.43 -15.33
CA ARG B 133 17.58 -2.15 -15.92
C ARG B 133 16.74 -1.76 -17.14
N ASP B 134 16.50 -2.70 -18.05
CA ASP B 134 15.71 -2.36 -19.25
C ASP B 134 14.33 -1.80 -18.88
N TRP B 135 13.67 -2.45 -17.93
CA TRP B 135 12.35 -2.01 -17.49
C TRP B 135 12.45 -0.64 -16.80
N LEU B 136 13.41 -0.51 -15.90
CA LEU B 136 13.58 0.75 -15.19
C LEU B 136 13.82 1.92 -16.16
N VAL B 137 14.71 1.71 -17.13
CA VAL B 137 14.99 2.79 -18.07
C VAL B 137 13.74 3.14 -18.90
N LYS B 138 13.04 2.13 -19.38
CA LYS B 138 11.83 2.37 -20.16
C LYS B 138 10.76 3.10 -19.36
N GLN B 139 10.71 2.82 -18.05
CA GLN B 139 9.74 3.44 -17.17
C GLN B 139 10.23 4.76 -16.57
N ARG B 140 11.25 5.34 -17.18
CA ARG B 140 11.82 6.62 -16.75
C ARG B 140 12.52 6.65 -15.40
N GLY B 141 13.02 5.49 -14.95
CA GLY B 141 13.75 5.46 -13.69
C GLY B 141 13.04 6.06 -12.50
N TRP B 142 13.79 6.70 -11.61
CA TRP B 142 13.17 7.30 -10.42
C TRP B 142 12.25 8.49 -10.71
N ASP B 143 12.41 9.14 -11.86
CA ASP B 143 11.50 10.24 -12.18
C ASP B 143 10.16 9.57 -12.42
N GLY B 144 10.19 8.42 -13.08
CA GLY B 144 8.99 7.66 -13.37
C GLY B 144 8.32 7.19 -12.09
N PHE B 145 9.14 6.71 -11.16
CA PHE B 145 8.67 6.22 -9.87
C PHE B 145 7.90 7.30 -9.14
N VAL B 146 8.50 8.49 -9.09
CA VAL B 146 7.88 9.63 -8.41
C VAL B 146 6.56 10.04 -9.05
N GLU B 147 6.55 10.09 -10.37
CA GLU B 147 5.35 10.43 -11.14
C GLU B 147 4.24 9.42 -10.93
N PHE B 148 4.60 8.14 -10.92
CA PHE B 148 3.59 7.08 -10.76
C PHE B 148 2.79 7.24 -9.48
N PHE B 149 3.50 7.56 -8.40
CA PHE B 149 2.92 7.74 -7.07
C PHE B 149 2.64 9.18 -6.66
N HIS B 150 2.71 10.10 -7.61
CA HIS B 150 2.45 11.54 -7.32
C HIS B 150 1.05 11.80 -6.70
N VAL B 151 1.00 12.67 -5.71
CA VAL B 151 -0.24 13.00 -5.03
C VAL B 151 -0.86 14.21 -5.69
C1 Q54 C . -14.69 -3.79 -3.78
C2 Q54 C . -15.68 -3.84 -4.76
C3 Q54 C . -15.87 -4.95 -5.58
C7 Q54 C . -8.94 -8.64 -2.73
C8 Q54 C . -8.43 -8.78 -1.46
C9 Q54 C . -9.17 -8.32 -0.32
C10 Q54 C . -10.42 -7.72 -0.54
C11 Q54 C . -13.06 -7.78 -2.79
C12 Q54 C . -11.64 -6.83 -4.65
C13 Q54 C . -10.20 -8.03 -2.98
C14 Q54 C . -10.94 -7.58 -1.85
C15 Q54 C . -13.05 -7.29 -4.26
C16 Q54 C . -7.13 -9.36 -1.28
C19 Q54 C . -8.72 -7.72 -5.89
C20 Q54 C . -7.94 -8.36 -7.06
C21 Q54 C . -7.68 -6.94 -7.60
C22 Q54 C . -13.39 -8.49 -5.19
C24 Q54 C . -15.23 -7.22 -6.37
N1 Q54 C . -10.64 -7.89 -4.30
O1 Q54 C . -12.19 -7.02 -1.96
O2 Q54 C . -6.62 -9.43 -0.09
O3 Q54 C . -6.50 -9.78 -2.24
C17 Q54 C . -9.96 -8.49 -5.45
C18 Q54 C . -8.80 -6.40 -6.69
C4 Q54 C . -15.04 -6.05 -5.44
C5 Q54 C . -13.99 -6.08 -4.44
C6 Q54 C . -13.86 -4.90 -3.63
C23 Q54 C . -13.98 -8.08 -6.57
CL1 Q54 C . -16.72 -2.46 -5.01
C1 Q54 D . 13.83 -8.00 0.31
C2 Q54 D . 14.70 -8.74 1.08
C3 Q54 D . 14.60 -10.11 1.22
C7 Q54 D . 7.26 -10.20 -2.79
C8 Q54 D . 6.75 -9.54 -3.86
C9 Q54 D . 7.62 -8.66 -4.61
C10 Q54 D . 8.98 -8.55 -4.21
C11 Q54 D . 11.51 -10.33 -2.53
C12 Q54 D . 10.14 -10.20 -0.44
C13 Q54 D . 8.60 -10.10 -2.36
C14 Q54 D . 9.46 -9.25 -3.12
C15 Q54 D . 11.47 -10.71 -1.03
C16 Q54 D . 5.38 -9.67 -4.26
C19 Q54 D . 7.07 -11.02 0.34
C20 Q54 D . 6.17 -12.03 1.12
C21 Q54 D . 6.09 -10.99 2.25
C22 Q54 D . 11.56 -12.28 -0.94
C24 Q54 D . 13.47 -12.25 0.75
N1 Q54 D . 9.03 -10.75 -1.19
O1 Q54 D . 10.83 -9.11 -2.86
O2 Q54 D . 4.97 -9.13 -5.39
O3 Q54 D . 4.54 -10.30 -3.58
C17 Q54 D . 8.17 -11.71 -0.48
C18 Q54 D . 7.41 -10.35 1.70
C4 Q54 D . 13.56 -10.78 0.56
C5 Q54 D . 12.61 -10.05 -0.26
C6 Q54 D . 12.80 -8.65 -0.35
C23 Q54 D . 12.10 -12.84 0.41
CL1 Q54 D . 16.02 -7.84 1.94
#